data_4FZS
#
_entry.id   4FZS
#
_cell.length_a   88.990
_cell.length_b   118.090
_cell.length_c   61.540
_cell.angle_alpha   90.00
_cell.angle_beta   90.00
_cell.angle_gamma   90.00
#
_symmetry.space_group_name_H-M   'P 21 21 2'
#
_entity_poly.entity_id   1
_entity_poly.type   'polypeptide(L)'
_entity_poly.pdbx_seq_one_letter_code
;GAKMNESDIWFEEKLQEVECEEQRLRKLHAVVETLVNHRKELALNTAQFAKSLAMLGSSEDNTALSRALSQLAEVEEKIE
QLHQEQANNDFFLLAELLSDYIRLLAIVRAAFDQRMKTWQRWQDAQATLQKKREAEARLLWANKPDKLQQAKDEILEWES
RVTQYERDFERISTVVRKEVIRFEKEKSKDFKNHVIKYLETLLYSQQQLAKYWEAFLPEAKAIS
;
_entity_poly.pdbx_strand_id   A,B
#
# COMPACT_ATOMS: atom_id res chain seq x y z
N SER A 7 -40.21 8.98 27.96
CA SER A 7 -40.44 10.42 28.11
C SER A 7 -39.19 11.24 27.70
N ASP A 8 -38.24 11.43 28.65
CA ASP A 8 -36.93 12.06 28.56
C ASP A 8 -36.00 11.08 29.30
N ILE A 9 -36.57 9.91 29.62
CA ILE A 9 -35.94 8.77 30.28
C ILE A 9 -35.62 7.74 29.18
N TRP A 10 -36.52 7.58 28.17
CA TRP A 10 -36.30 6.71 27.00
C TRP A 10 -35.07 7.28 26.29
N PHE A 11 -35.00 8.62 26.15
CA PHE A 11 -33.94 9.37 25.51
C PHE A 11 -32.55 9.11 26.14
N GLU A 12 -32.42 9.19 27.49
CA GLU A 12 -31.14 8.94 28.17
C GLU A 12 -30.68 7.47 28.08
N GLU A 13 -31.67 6.55 28.06
CA GLU A 13 -31.46 5.10 27.94
C GLU A 13 -30.99 4.77 26.53
N LYS A 14 -31.49 5.50 25.50
CA LYS A 14 -31.11 5.30 24.10
C LYS A 14 -29.66 5.70 23.86
N LEU A 15 -29.21 6.82 24.44
CA LEU A 15 -27.83 7.27 24.27
C LEU A 15 -26.84 6.26 24.87
N GLN A 16 -27.28 5.52 25.90
CA GLN A 16 -26.47 4.49 26.55
C GLN A 16 -26.27 3.31 25.57
N GLU A 17 -27.36 2.78 24.97
CA GLU A 17 -27.31 1.70 23.98
C GLU A 17 -26.42 2.07 22.77
N VAL A 18 -26.66 3.27 22.19
CA VAL A 18 -25.97 3.85 21.02
C VAL A 18 -24.48 3.98 21.33
N GLU A 19 -24.12 4.59 22.49
CA GLU A 19 -22.70 4.77 22.86
C GLU A 19 -21.97 3.42 22.91
N CYS A 20 -22.69 2.38 23.39
CA CYS A 20 -22.19 1.02 23.53
C CYS A 20 -21.96 0.35 22.17
N GLU A 21 -23.03 0.25 21.33
CA GLU A 21 -22.98 -0.29 19.98
C GLU A 21 -21.89 0.37 19.13
N GLU A 22 -21.72 1.70 19.25
CA GLU A 22 -20.68 2.46 18.55
C GLU A 22 -19.29 2.01 18.98
N GLN A 23 -19.12 1.64 20.24
CA GLN A 23 -17.83 1.20 20.79
C GLN A 23 -17.55 -0.23 20.35
N ARG A 24 -18.61 -1.05 20.30
CA ARG A 24 -18.58 -2.45 19.92
C ARG A 24 -18.36 -2.60 18.40
N LEU A 25 -19.09 -1.84 17.58
CA LEU A 25 -18.98 -1.91 16.13
C LEU A 25 -17.72 -1.36 15.55
N ARG A 26 -17.13 -0.36 16.25
CA ARG A 26 -15.85 0.20 15.84
C ARG A 26 -14.75 -0.87 16.00
N LYS A 27 -14.86 -1.71 17.06
CA LYS A 27 -13.96 -2.83 17.35
C LYS A 27 -14.09 -3.88 16.23
N LEU A 28 -15.34 -4.22 15.86
CA LEU A 28 -15.62 -5.18 14.81
C LEU A 28 -15.11 -4.67 13.48
N HIS A 29 -15.30 -3.36 13.22
CA HIS A 29 -14.87 -2.71 11.98
C HIS A 29 -13.40 -2.92 11.75
N ALA A 30 -12.59 -2.73 12.82
CA ALA A 30 -11.13 -2.92 12.81
C ALA A 30 -10.75 -4.36 12.38
N VAL A 31 -11.58 -5.38 12.78
CA VAL A 31 -11.39 -6.78 12.34
C VAL A 31 -11.77 -6.89 10.86
N VAL A 32 -12.99 -6.45 10.50
CA VAL A 32 -13.47 -6.52 9.12
C VAL A 32 -12.51 -5.77 8.17
N GLU A 33 -12.06 -4.58 8.55
CA GLU A 33 -11.12 -3.79 7.75
C GLU A 33 -9.78 -4.48 7.52
N THR A 34 -9.26 -5.28 8.46
CA THR A 34 -8.00 -5.97 8.14
C THR A 34 -8.23 -7.13 7.17
N LEU A 35 -9.40 -7.77 7.23
CA LEU A 35 -9.76 -8.86 6.35
C LEU A 35 -10.03 -8.38 4.93
N VAL A 36 -10.77 -7.25 4.79
CA VAL A 36 -11.14 -6.62 3.52
C VAL A 36 -9.90 -6.10 2.78
N ASN A 37 -8.98 -5.45 3.53
CA ASN A 37 -7.76 -4.87 3.02
C ASN A 37 -6.74 -5.89 2.53
N HIS A 38 -6.65 -7.05 3.20
CA HIS A 38 -5.75 -8.10 2.78
C HIS A 38 -6.23 -8.68 1.43
N ARG A 39 -7.52 -9.11 1.32
CA ARG A 39 -8.06 -9.67 0.07
C ARG A 39 -8.17 -8.65 -1.06
N LYS A 40 -8.09 -7.37 -0.70
CA LYS A 40 -8.06 -6.26 -1.66
C LYS A 40 -6.68 -6.24 -2.29
N GLU A 41 -5.65 -6.10 -1.45
CA GLU A 41 -4.24 -6.06 -1.83
C GLU A 41 -3.80 -7.29 -2.64
N LEU A 42 -4.19 -8.50 -2.20
CA LEU A 42 -3.86 -9.74 -2.92
C LEU A 42 -4.36 -9.76 -4.35
N ALA A 43 -5.64 -9.41 -4.60
CA ALA A 43 -6.18 -9.38 -5.96
C ALA A 43 -5.54 -8.24 -6.77
N LEU A 44 -5.05 -7.21 -6.08
CA LEU A 44 -4.42 -6.09 -6.72
C LEU A 44 -3.04 -6.49 -7.18
N ASN A 45 -2.16 -6.90 -6.24
CA ASN A 45 -0.79 -7.33 -6.53
C ASN A 45 -0.74 -8.43 -7.57
N THR A 46 -1.70 -9.37 -7.53
CA THR A 46 -1.73 -10.48 -8.49
C THR A 46 -2.05 -10.02 -9.93
N ALA A 47 -3.04 -9.11 -10.11
CA ALA A 47 -3.37 -8.54 -11.43
C ALA A 47 -2.17 -7.73 -12.00
N GLN A 48 -1.40 -7.08 -11.08
CA GLN A 48 -0.20 -6.32 -11.41
C GLN A 48 0.88 -7.27 -11.94
N PHE A 49 1.12 -8.38 -11.19
CA PHE A 49 2.09 -9.44 -11.46
C PHE A 49 1.80 -10.07 -12.80
N ALA A 50 0.54 -10.53 -13.00
CA ALA A 50 0.07 -11.15 -14.25
C ALA A 50 0.31 -10.24 -15.48
N LYS A 51 -0.02 -8.93 -15.39
CA LYS A 51 0.19 -7.96 -16.47
C LYS A 51 1.70 -7.84 -16.78
N SER A 52 2.51 -7.68 -15.75
CA SER A 52 3.95 -7.61 -15.87
C SER A 52 4.52 -8.89 -16.54
N LEU A 53 4.07 -10.09 -16.11
CA LEU A 53 4.53 -11.38 -16.66
C LEU A 53 4.21 -11.54 -18.15
N ALA A 54 3.01 -11.11 -18.55
CA ALA A 54 2.49 -11.19 -19.93
C ALA A 54 3.28 -10.28 -20.83
N MET A 55 3.61 -9.07 -20.34
CA MET A 55 4.41 -8.09 -21.04
C MET A 55 5.83 -8.64 -21.23
N LEU A 56 6.46 -9.11 -20.14
CA LEU A 56 7.81 -9.68 -20.15
C LEU A 56 7.88 -10.92 -21.07
N GLY A 57 6.83 -11.74 -21.02
CA GLY A 57 6.72 -12.96 -21.81
C GLY A 57 6.54 -12.66 -23.28
N SER A 58 5.85 -11.54 -23.57
CA SER A 58 5.60 -11.09 -24.93
C SER A 58 6.91 -10.56 -25.54
N SER A 59 7.73 -9.86 -24.73
CA SER A 59 8.99 -9.29 -25.18
C SER A 59 10.24 -10.24 -25.05
N GLU A 60 10.02 -11.55 -24.83
CA GLU A 60 11.08 -12.55 -24.68
C GLU A 60 11.35 -13.31 -25.96
N ASP A 61 12.65 -13.41 -26.32
CA ASP A 61 13.10 -14.11 -27.51
C ASP A 61 13.33 -15.61 -27.34
N ASN A 62 13.60 -16.06 -26.09
CA ASN A 62 13.75 -17.47 -25.80
C ASN A 62 12.34 -18.10 -25.67
N THR A 63 12.02 -19.07 -26.55
CA THR A 63 10.72 -19.72 -26.61
C THR A 63 10.27 -20.41 -25.30
N ALA A 64 11.21 -21.11 -24.63
CA ALA A 64 10.94 -21.79 -23.37
C ALA A 64 10.61 -20.77 -22.27
N LEU A 65 11.44 -19.72 -22.14
CA LEU A 65 11.24 -18.65 -21.17
C LEU A 65 9.95 -17.88 -21.50
N SER A 66 9.71 -17.58 -22.79
CA SER A 66 8.52 -16.84 -23.23
C SER A 66 7.25 -17.57 -22.83
N ARG A 67 7.14 -18.89 -23.14
CA ARG A 67 5.99 -19.73 -22.81
C ARG A 67 5.77 -19.79 -21.32
N ALA A 68 6.85 -20.02 -20.53
CA ALA A 68 6.76 -20.13 -19.07
C ALA A 68 6.18 -18.87 -18.47
N LEU A 69 6.67 -17.68 -18.91
CA LEU A 69 6.16 -16.39 -18.41
C LEU A 69 4.72 -16.19 -18.79
N SER A 70 4.33 -16.47 -20.04
CA SER A 70 2.94 -16.28 -20.41
C SER A 70 1.97 -17.30 -19.81
N GLN A 71 2.41 -18.55 -19.56
CA GLN A 71 1.58 -19.55 -18.92
C GLN A 71 1.31 -19.17 -17.45
N LEU A 72 2.33 -18.62 -16.74
CA LEU A 72 2.25 -18.16 -15.36
C LEU A 72 1.33 -16.95 -15.27
N ALA A 73 1.29 -16.12 -16.33
CA ALA A 73 0.41 -14.96 -16.37
C ALA A 73 -1.03 -15.47 -16.47
N GLU A 74 -1.30 -16.45 -17.34
CA GLU A 74 -2.61 -17.11 -17.50
C GLU A 74 -3.06 -17.74 -16.17
N VAL A 75 -2.13 -18.30 -15.38
CA VAL A 75 -2.45 -18.92 -14.09
C VAL A 75 -2.79 -17.88 -13.03
N GLU A 76 -1.98 -16.83 -12.88
CA GLU A 76 -2.24 -15.77 -11.88
C GLU A 76 -3.46 -14.92 -12.27
N GLU A 77 -3.90 -15.03 -13.53
CA GLU A 77 -5.08 -14.36 -14.07
C GLU A 77 -6.28 -15.10 -13.44
N LYS A 78 -6.32 -16.46 -13.63
CA LYS A 78 -7.29 -17.38 -13.03
C LYS A 78 -7.35 -17.18 -11.49
N ILE A 79 -6.17 -17.11 -10.81
CA ILE A 79 -6.09 -16.95 -9.36
C ILE A 79 -6.71 -15.63 -8.91
N GLU A 80 -6.52 -14.57 -9.71
CA GLU A 80 -7.04 -13.23 -9.45
C GLU A 80 -8.57 -13.29 -9.47
N GLN A 81 -9.15 -13.92 -10.52
CA GLN A 81 -10.61 -14.09 -10.64
C GLN A 81 -11.23 -14.87 -9.46
N LEU A 82 -10.49 -15.82 -8.86
CA LEU A 82 -10.95 -16.59 -7.70
C LEU A 82 -11.00 -15.68 -6.46
N HIS A 83 -10.04 -14.74 -6.33
CA HIS A 83 -10.01 -13.73 -5.26
C HIS A 83 -11.16 -12.72 -5.48
N GLN A 84 -11.54 -12.48 -6.76
CA GLN A 84 -12.61 -11.58 -7.15
C GLN A 84 -13.98 -12.22 -6.91
N GLU A 85 -14.08 -13.55 -7.10
CA GLU A 85 -15.29 -14.34 -6.88
C GLU A 85 -15.64 -14.46 -5.37
N GLN A 86 -14.63 -14.73 -4.50
CA GLN A 86 -14.83 -14.83 -3.05
C GLN A 86 -14.94 -13.43 -2.40
N ALA A 87 -14.38 -12.39 -3.08
CA ALA A 87 -14.47 -10.99 -2.64
C ALA A 87 -15.94 -10.61 -2.73
N ASN A 88 -16.54 -10.78 -3.89
CA ASN A 88 -17.94 -10.45 -4.07
C ASN A 88 -18.79 -11.39 -3.23
N ASN A 89 -18.21 -11.86 -2.15
CA ASN A 89 -18.89 -12.77 -1.25
C ASN A 89 -19.90 -12.02 -0.38
N ASP A 90 -20.74 -12.76 0.31
CA ASP A 90 -21.72 -12.15 1.20
C ASP A 90 -21.02 -11.40 2.32
N PHE A 91 -19.69 -11.39 2.27
CA PHE A 91 -18.87 -10.74 3.27
C PHE A 91 -18.57 -9.30 2.86
N PHE A 92 -17.86 -9.15 1.75
CA PHE A 92 -17.49 -7.82 1.30
C PHE A 92 -18.67 -6.81 1.19
N LEU A 93 -19.88 -7.37 1.15
CA LEU A 93 -21.16 -6.66 1.10
C LEU A 93 -21.51 -6.19 2.53
N LEU A 94 -21.34 -7.10 3.52
CA LEU A 94 -21.55 -6.88 4.96
C LEU A 94 -20.61 -5.79 5.49
N ALA A 95 -19.38 -5.74 4.93
CA ALA A 95 -18.35 -4.79 5.24
C ALA A 95 -18.81 -3.37 4.93
N GLU A 96 -19.47 -3.19 3.77
CA GLU A 96 -19.96 -1.89 3.33
C GLU A 96 -21.15 -1.46 4.16
N LEU A 97 -21.94 -2.44 4.61
CA LEU A 97 -23.08 -2.18 5.47
C LEU A 97 -22.61 -1.74 6.85
N LEU A 98 -21.53 -2.36 7.37
CA LEU A 98 -20.91 -2.06 8.66
C LEU A 98 -20.26 -0.67 8.67
N SER A 99 -19.51 -0.33 7.61
CA SER A 99 -18.83 0.95 7.49
C SER A 99 -19.82 2.14 7.46
N ASP A 100 -21.00 1.94 6.84
CA ASP A 100 -22.05 2.94 6.76
C ASP A 100 -22.80 3.05 8.08
N TYR A 101 -23.18 1.91 8.68
CA TYR A 101 -23.86 1.89 9.98
C TYR A 101 -23.03 2.62 11.04
N ILE A 102 -21.68 2.45 11.04
CA ILE A 102 -20.75 3.12 11.97
C ILE A 102 -20.84 4.64 11.81
N ARG A 103 -20.87 5.12 10.56
CA ARG A 103 -21.02 6.53 10.19
C ARG A 103 -22.37 7.08 10.67
N LEU A 104 -23.46 6.26 10.59
CA LEU A 104 -24.78 6.65 11.04
C LEU A 104 -24.79 6.84 12.61
N LEU A 105 -24.17 5.90 13.36
CA LEU A 105 -24.07 5.96 14.81
C LEU A 105 -23.37 7.24 15.27
N ALA A 106 -22.38 7.71 14.48
CA ALA A 106 -21.67 8.96 14.75
C ALA A 106 -22.64 10.17 14.61
N ILE A 107 -23.56 10.11 13.60
CA ILE A 107 -24.58 11.14 13.33
C ILE A 107 -25.63 11.18 14.48
N VAL A 108 -26.11 10.00 14.93
CA VAL A 108 -27.08 9.92 16.01
C VAL A 108 -26.51 10.50 17.30
N ARG A 109 -25.23 10.21 17.63
CA ARG A 109 -24.62 10.75 18.87
C ARG A 109 -24.47 12.28 18.80
N ALA A 110 -24.17 12.81 17.61
CA ALA A 110 -24.02 14.24 17.37
C ALA A 110 -25.40 14.91 17.57
N ALA A 111 -26.50 14.19 17.24
CA ALA A 111 -27.88 14.62 17.36
C ALA A 111 -28.27 14.67 18.82
N PHE A 112 -27.87 13.63 19.59
CA PHE A 112 -28.09 13.61 21.04
C PHE A 112 -27.35 14.76 21.70
N ASP A 113 -26.12 15.05 21.22
CA ASP A 113 -25.31 16.14 21.72
C ASP A 113 -26.04 17.46 21.46
N GLN A 114 -26.54 17.68 20.22
CA GLN A 114 -27.29 18.87 19.83
C GLN A 114 -28.51 19.07 20.73
N ARG A 115 -29.26 17.98 20.99
CA ARG A 115 -30.45 17.97 21.83
C ARG A 115 -30.13 18.44 23.22
N MET A 116 -28.99 18.00 23.78
CA MET A 116 -28.54 18.33 25.12
C MET A 116 -28.24 19.81 25.28
N LYS A 117 -27.45 20.38 24.36
CA LYS A 117 -27.04 21.79 24.36
C LYS A 117 -28.25 22.73 24.15
N THR A 118 -29.22 22.32 23.30
CA THR A 118 -30.45 23.05 22.99
C THR A 118 -31.37 23.07 24.23
N TRP A 119 -31.49 21.92 24.91
CA TRP A 119 -32.25 21.76 26.15
C TRP A 119 -31.68 22.70 27.23
N GLN A 120 -30.33 22.71 27.39
CA GLN A 120 -29.67 23.60 28.34
C GLN A 120 -29.89 25.09 28.11
N ARG A 121 -29.84 25.58 26.84
CA ARG A 121 -30.09 26.98 26.54
C ARG A 121 -31.47 27.39 27.04
N TRP A 122 -32.45 26.50 26.88
CA TRP A 122 -33.83 26.67 27.27
C TRP A 122 -33.98 26.74 28.80
N GLN A 123 -33.44 25.75 29.51
CA GLN A 123 -33.49 25.67 30.98
C GLN A 123 -32.91 26.91 31.64
N ASP A 124 -31.79 27.43 31.11
CA ASP A 124 -31.14 28.64 31.63
C ASP A 124 -31.97 29.89 31.35
N ALA A 125 -32.62 29.96 30.19
CA ALA A 125 -33.49 31.08 29.82
C ALA A 125 -34.72 31.05 30.74
N GLN A 126 -35.23 29.83 31.04
CA GLN A 126 -36.37 29.56 31.92
C GLN A 126 -36.05 30.05 33.35
N ALA A 127 -34.80 29.82 33.80
CA ALA A 127 -34.30 30.24 35.10
C ALA A 127 -34.20 31.77 35.17
N THR A 128 -33.72 32.43 34.08
CA THR A 128 -33.59 33.88 33.97
C THR A 128 -34.97 34.51 34.06
N LEU A 129 -35.90 34.05 33.19
CA LEU A 129 -37.31 34.44 33.15
C LEU A 129 -37.92 34.40 34.58
N GLN A 130 -37.69 33.29 35.33
CA GLN A 130 -38.21 33.11 36.67
C GLN A 130 -37.65 34.14 37.67
N LYS A 131 -36.36 34.55 37.50
CA LYS A 131 -35.72 35.59 38.33
C LYS A 131 -36.29 36.97 37.96
N LYS A 132 -36.68 37.16 36.67
CA LYS A 132 -37.29 38.40 36.18
C LYS A 132 -38.69 38.59 36.78
N ARG A 133 -39.41 37.49 37.03
CA ARG A 133 -40.76 37.47 37.62
C ARG A 133 -40.72 37.76 39.12
N GLU A 134 -39.67 37.27 39.82
CA GLU A 134 -39.45 37.50 41.26
C GLU A 134 -39.11 38.99 41.48
N ALA A 135 -38.37 39.58 40.51
CA ALA A 135 -37.95 40.97 40.47
C ALA A 135 -39.15 41.93 40.38
N GLU A 136 -40.28 41.46 39.80
CA GLU A 136 -41.53 42.24 39.72
C GLU A 136 -42.22 42.24 41.10
N ALA A 137 -42.36 41.04 41.73
CA ALA A 137 -42.95 40.85 43.07
C ALA A 137 -42.38 41.83 44.11
N ARG A 138 -41.06 42.09 44.02
CA ARG A 138 -40.34 43.04 44.87
C ARG A 138 -40.78 44.47 44.49
N LEU A 139 -40.51 44.89 43.24
CA LEU A 139 -40.82 46.22 42.69
C LEU A 139 -42.30 46.65 42.65
N LEU A 140 -43.25 45.70 42.66
CA LEU A 140 -44.71 45.94 42.58
C LEU A 140 -45.25 46.92 43.64
N TRP A 141 -45.44 46.45 44.88
CA TRP A 141 -45.92 47.34 45.94
C TRP A 141 -44.78 48.18 46.48
N ALA A 142 -43.65 47.55 46.84
CA ALA A 142 -42.46 48.20 47.41
C ALA A 142 -41.85 49.41 46.65
N ASN A 143 -42.31 49.73 45.41
CA ASN A 143 -41.77 50.87 44.67
C ASN A 143 -42.73 51.66 43.75
N LYS A 144 -42.14 52.39 42.77
CA LYS A 144 -42.80 53.28 41.83
C LYS A 144 -42.84 52.80 40.35
N PRO A 145 -43.93 53.15 39.61
CA PRO A 145 -44.09 52.67 38.22
C PRO A 145 -43.02 52.94 37.16
N ASP A 146 -41.93 53.65 37.49
CA ASP A 146 -40.86 53.92 36.53
C ASP A 146 -40.04 52.65 36.20
N LYS A 147 -39.44 52.05 37.25
CA LYS A 147 -38.63 50.83 37.15
C LYS A 147 -39.53 49.61 36.91
N LEU A 148 -40.80 49.65 37.43
CA LEU A 148 -41.84 48.63 37.28
C LEU A 148 -42.19 48.41 35.80
N GLN A 149 -42.07 49.46 34.96
CA GLN A 149 -42.33 49.40 33.52
C GLN A 149 -41.20 48.63 32.80
N GLN A 150 -39.94 48.85 33.23
CA GLN A 150 -38.74 48.19 32.70
C GLN A 150 -38.78 46.69 33.00
N ALA A 151 -39.24 46.30 34.22
CA ALA A 151 -39.38 44.91 34.66
C ALA A 151 -40.45 44.16 33.85
N LYS A 152 -41.50 44.89 33.39
CA LYS A 152 -42.62 44.36 32.60
C LYS A 152 -42.15 44.01 31.19
N ASP A 153 -41.42 44.93 30.53
CA ASP A 153 -40.91 44.75 29.18
C ASP A 153 -39.78 43.70 29.14
N GLU A 154 -39.13 43.45 30.30
CA GLU A 154 -38.07 42.44 30.47
C GLU A 154 -38.71 41.07 30.37
N ILE A 155 -39.79 40.88 31.13
CA ILE A 155 -40.61 39.68 31.19
C ILE A 155 -41.17 39.33 29.77
N LEU A 156 -41.56 40.32 28.97
CA LEU A 156 -42.07 40.06 27.61
C LEU A 156 -40.98 39.63 26.61
N GLU A 157 -39.74 40.09 26.81
CA GLU A 157 -38.57 39.72 25.99
C GLU A 157 -38.09 38.30 26.34
N TRP A 158 -38.13 37.91 27.63
CA TRP A 158 -37.71 36.58 28.06
C TRP A 158 -38.73 35.49 27.84
N GLU A 159 -40.01 35.87 27.73
CA GLU A 159 -41.12 34.96 27.41
C GLU A 159 -40.95 34.57 25.94
N SER A 160 -40.59 35.54 25.09
CA SER A 160 -40.34 35.45 23.64
C SER A 160 -39.19 34.45 23.37
N ARG A 161 -38.12 34.56 24.17
CA ARG A 161 -36.93 33.74 24.13
C ARG A 161 -37.28 32.30 24.61
N VAL A 162 -37.80 32.14 25.86
CA VAL A 162 -38.20 30.86 26.45
C VAL A 162 -39.16 30.04 25.55
N THR A 163 -40.13 30.69 24.87
CA THR A 163 -41.03 29.90 24.01
C THR A 163 -40.28 29.38 22.77
N GLN A 164 -39.44 30.25 22.17
CA GLN A 164 -38.60 29.94 21.00
C GLN A 164 -37.59 28.83 21.32
N TYR A 165 -36.95 28.88 22.50
CA TYR A 165 -35.94 27.88 22.88
C TYR A 165 -36.56 26.50 23.11
N GLU A 166 -37.77 26.46 23.68
CA GLU A 166 -38.51 25.22 23.87
C GLU A 166 -38.91 24.65 22.49
N ARG A 167 -39.24 25.53 21.52
CA ARG A 167 -39.59 25.13 20.15
C ARG A 167 -38.37 24.47 19.53
N ASP A 168 -37.19 25.18 19.54
CA ASP A 168 -35.89 24.70 19.07
C ASP A 168 -35.54 23.33 19.65
N PHE A 169 -35.74 23.15 20.98
CA PHE A 169 -35.57 21.87 21.67
C PHE A 169 -36.50 20.79 21.11
N GLU A 170 -37.80 21.11 20.94
CA GLU A 170 -38.80 20.15 20.46
C GLU A 170 -38.44 19.64 19.08
N ARG A 171 -37.95 20.54 18.24
CA ARG A 171 -37.51 20.26 16.87
C ARG A 171 -36.34 19.24 16.85
N ILE A 172 -35.31 19.42 17.70
CA ILE A 172 -34.14 18.56 17.80
C ILE A 172 -34.45 17.16 18.33
N SER A 173 -35.37 17.09 19.33
CA SER A 173 -35.85 15.83 19.91
C SER A 173 -36.59 14.98 18.86
N THR A 174 -37.29 15.61 17.90
CA THR A 174 -38.01 14.95 16.80
C THR A 174 -36.99 14.31 15.85
N VAL A 175 -35.93 15.08 15.51
CA VAL A 175 -34.81 14.65 14.66
C VAL A 175 -34.05 13.48 15.32
N VAL A 176 -33.90 13.51 16.65
CA VAL A 176 -33.25 12.44 17.39
C VAL A 176 -34.09 11.14 17.27
N ARG A 177 -35.43 11.21 17.54
CA ARG A 177 -36.43 10.12 17.41
C ARG A 177 -36.37 9.46 16.00
N LYS A 178 -36.35 10.29 14.93
CA LYS A 178 -36.26 9.85 13.53
C LYS A 178 -34.97 9.06 13.30
N GLU A 179 -33.81 9.60 13.74
CA GLU A 179 -32.50 8.96 13.61
C GLU A 179 -32.35 7.72 14.51
N VAL A 180 -33.13 7.64 15.62
CA VAL A 180 -33.17 6.49 16.52
C VAL A 180 -33.83 5.32 15.74
N ILE A 181 -34.83 5.64 14.86
CA ILE A 181 -35.54 4.65 14.01
C ILE A 181 -34.59 4.03 12.92
N ARG A 182 -33.71 4.88 12.31
CA ARG A 182 -32.71 4.48 11.29
C ARG A 182 -31.68 3.49 11.88
N PHE A 183 -31.23 3.78 13.14
CA PHE A 183 -30.28 3.00 13.94
C PHE A 183 -30.81 1.57 14.14
N GLU A 184 -32.05 1.43 14.63
CA GLU A 184 -32.71 0.16 14.91
C GLU A 184 -32.77 -0.79 13.69
N LYS A 185 -33.25 -0.29 12.51
CA LYS A 185 -33.31 -1.03 11.23
C LYS A 185 -31.90 -1.58 10.86
N GLU A 186 -30.85 -0.76 11.07
CA GLU A 186 -29.48 -1.17 10.81
C GLU A 186 -28.75 -1.77 12.02
N LYS A 187 -29.45 -1.95 13.18
CA LYS A 187 -28.96 -2.57 14.44
C LYS A 187 -29.34 -4.06 14.46
N SER A 188 -30.57 -4.35 13.97
CA SER A 188 -31.19 -5.68 13.85
C SER A 188 -30.55 -6.51 12.73
N LYS A 189 -29.28 -6.20 12.35
CA LYS A 189 -28.53 -6.88 11.28
C LYS A 189 -27.54 -7.98 11.74
N ASP A 190 -27.23 -8.03 13.06
CA ASP A 190 -26.37 -9.02 13.77
C ASP A 190 -24.98 -9.29 13.13
N PHE A 191 -24.25 -8.21 12.81
CA PHE A 191 -22.92 -8.25 12.18
C PHE A 191 -21.91 -9.23 12.80
N LYS A 192 -21.84 -9.26 14.12
CA LYS A 192 -20.94 -10.07 14.94
C LYS A 192 -20.95 -11.58 14.59
N ASN A 193 -22.15 -12.18 14.52
CA ASN A 193 -22.22 -13.61 14.19
C ASN A 193 -21.94 -13.87 12.72
N HIS A 194 -22.21 -12.88 11.84
CA HIS A 194 -21.94 -12.99 10.40
C HIS A 194 -20.45 -12.99 10.15
N VAL A 195 -19.72 -12.10 10.85
CA VAL A 195 -18.27 -12.00 10.80
C VAL A 195 -17.65 -13.29 11.33
N ILE A 196 -18.15 -13.81 12.45
CA ILE A 196 -17.66 -15.06 13.03
C ILE A 196 -17.84 -16.21 12.03
N LYS A 197 -19.08 -16.32 11.45
CA LYS A 197 -19.50 -17.33 10.47
C LYS A 197 -18.50 -17.30 9.33
N TYR A 198 -18.28 -16.11 8.74
CA TYR A 198 -17.34 -15.95 7.66
C TYR A 198 -15.96 -16.41 8.06
N LEU A 199 -15.43 -15.86 9.17
CA LEU A 199 -14.12 -16.18 9.68
C LEU A 199 -13.86 -17.68 9.85
N GLU A 200 -14.86 -18.42 10.36
CA GLU A 200 -14.78 -19.87 10.58
C GLU A 200 -14.70 -20.63 9.27
N THR A 201 -15.45 -20.20 8.23
CA THR A 201 -15.40 -20.83 6.91
C THR A 201 -14.07 -20.53 6.24
N LEU A 202 -13.58 -19.30 6.36
CA LEU A 202 -12.27 -18.89 5.84
C LEU A 202 -11.19 -19.78 6.48
N LEU A 203 -11.21 -19.90 7.84
CA LEU A 203 -10.31 -20.74 8.65
C LEU A 203 -10.35 -22.18 8.18
N TYR A 204 -11.57 -22.79 8.08
CA TYR A 204 -11.76 -24.19 7.65
C TYR A 204 -11.16 -24.41 6.28
N SER A 205 -11.51 -23.54 5.33
CA SER A 205 -11.03 -23.54 3.95
C SER A 205 -9.51 -23.56 3.91
N GLN A 206 -8.85 -22.67 4.69
CA GLN A 206 -7.38 -22.56 4.80
C GLN A 206 -6.74 -23.80 5.42
N GLN A 207 -7.39 -24.37 6.45
CA GLN A 207 -6.97 -25.60 7.14
C GLN A 207 -6.95 -26.76 6.14
N GLN A 208 -8.03 -26.88 5.30
CA GLN A 208 -8.14 -27.95 4.30
C GLN A 208 -7.08 -27.83 3.21
N LEU A 209 -6.65 -26.59 2.87
CA LEU A 209 -5.61 -26.36 1.88
C LEU A 209 -4.27 -26.85 2.45
N ALA A 210 -3.99 -26.54 3.74
CA ALA A 210 -2.77 -26.94 4.43
C ALA A 210 -2.65 -28.49 4.50
N LYS A 211 -3.75 -29.17 4.82
CA LYS A 211 -3.86 -30.63 4.86
C LYS A 211 -3.68 -31.27 3.47
N TYR A 212 -4.31 -30.70 2.43
CA TYR A 212 -4.23 -31.18 1.04
C TYR A 212 -2.84 -31.05 0.48
N TRP A 213 -2.19 -29.88 0.65
CA TRP A 213 -0.84 -29.61 0.17
C TRP A 213 0.24 -30.59 0.69
N GLU A 214 -0.03 -31.28 1.82
CA GLU A 214 0.87 -32.26 2.42
C GLU A 214 1.06 -33.54 1.54
N ALA A 215 0.28 -33.67 0.43
CA ALA A 215 0.34 -34.79 -0.53
C ALA A 215 -0.09 -34.36 -1.94
N ILE B 9 45.11 -6.75 -31.58
CA ILE B 9 43.87 -6.20 -31.02
C ILE B 9 42.62 -7.09 -31.30
N TRP B 10 41.90 -7.43 -30.21
CA TRP B 10 40.67 -8.25 -30.14
C TRP B 10 39.56 -7.47 -29.38
N PHE B 11 39.96 -6.30 -28.80
CA PHE B 11 39.16 -5.37 -28.00
C PHE B 11 37.80 -5.05 -28.64
N GLU B 12 37.78 -4.84 -29.97
CA GLU B 12 36.58 -4.58 -30.77
C GLU B 12 35.51 -5.70 -30.54
N GLU B 13 35.99 -6.97 -30.58
CA GLU B 13 35.22 -8.23 -30.43
C GLU B 13 34.82 -8.45 -28.99
N LYS B 14 35.77 -8.29 -28.05
CA LYS B 14 35.48 -8.46 -26.63
C LYS B 14 34.56 -7.38 -26.11
N LEU B 15 34.51 -6.21 -26.77
CA LEU B 15 33.57 -5.17 -26.38
C LEU B 15 32.17 -5.56 -26.85
N GLN B 16 32.06 -6.04 -28.10
CA GLN B 16 30.79 -6.45 -28.70
C GLN B 16 30.14 -7.60 -27.96
N GLU B 17 30.96 -8.56 -27.42
CA GLU B 17 30.51 -9.67 -26.58
C GLU B 17 29.85 -9.10 -25.27
N VAL B 18 30.63 -8.30 -24.50
CA VAL B 18 30.22 -7.62 -23.29
C VAL B 18 28.97 -6.81 -23.56
N GLU B 19 28.95 -6.03 -24.66
CA GLU B 19 27.77 -5.21 -25.00
C GLU B 19 26.50 -6.07 -25.13
N CYS B 20 26.67 -7.28 -25.70
CA CYS B 20 25.61 -8.27 -25.94
C CYS B 20 25.11 -8.86 -24.63
N GLU B 21 26.01 -9.49 -23.82
CA GLU B 21 25.70 -10.06 -22.51
C GLU B 21 25.00 -9.03 -21.59
N GLU B 22 25.46 -7.77 -21.61
CA GLU B 22 24.85 -6.68 -20.82
C GLU B 22 23.41 -6.43 -21.26
N GLN B 23 23.11 -6.58 -22.55
CA GLN B 23 21.79 -6.33 -23.10
C GLN B 23 20.88 -7.51 -22.76
N ARG B 24 21.46 -8.73 -22.81
CA ARG B 24 20.81 -10.00 -22.52
C ARG B 24 20.50 -10.14 -21.02
N LEU B 25 21.48 -9.85 -20.16
CA LEU B 25 21.33 -9.99 -18.72
C LEU B 25 20.44 -8.97 -18.07
N ARG B 26 20.37 -7.77 -18.66
CA ARG B 26 19.47 -6.72 -18.19
C ARG B 26 18.03 -7.14 -18.41
N LYS B 27 17.75 -7.85 -19.55
CA LYS B 27 16.45 -8.39 -19.91
C LYS B 27 16.06 -9.47 -18.89
N LEU B 28 17.01 -10.38 -18.57
CA LEU B 28 16.80 -11.45 -17.61
C LEU B 28 16.56 -10.88 -16.24
N HIS B 29 17.33 -9.84 -15.86
CA HIS B 29 17.23 -9.17 -14.56
C HIS B 29 15.82 -8.70 -14.33
N ALA B 30 15.20 -8.05 -15.35
CA ALA B 30 13.82 -7.54 -15.33
C ALA B 30 12.82 -8.67 -15.03
N VAL B 31 13.09 -9.90 -15.53
CA VAL B 31 12.27 -11.07 -15.21
C VAL B 31 12.52 -11.51 -13.76
N VAL B 32 13.80 -11.73 -13.38
CA VAL B 32 14.17 -12.15 -12.04
C VAL B 32 13.67 -11.14 -10.99
N GLU B 33 13.82 -9.84 -11.26
CA GLU B 33 13.35 -8.80 -10.35
C GLU B 33 11.83 -8.81 -10.13
N THR B 34 11.01 -9.18 -11.14
CA THR B 34 9.59 -9.23 -10.85
C THR B 34 9.22 -10.44 -10.01
N LEU B 35 9.97 -11.55 -10.19
CA LEU B 35 9.77 -12.77 -9.41
C LEU B 35 10.19 -12.64 -7.97
N VAL B 36 11.36 -12.00 -7.73
CA VAL B 36 11.96 -11.75 -6.40
C VAL B 36 11.09 -10.82 -5.58
N ASN B 37 10.59 -9.75 -6.21
CA ASN B 37 9.75 -8.71 -5.62
C ASN B 37 8.37 -9.20 -5.22
N HIS B 38 7.76 -10.10 -6.01
CA HIS B 38 6.46 -10.65 -5.69
C HIS B 38 6.57 -11.55 -4.47
N ARG B 39 7.49 -12.54 -4.49
CA ARG B 39 7.69 -13.44 -3.36
C ARG B 39 8.04 -12.66 -2.07
N LYS B 40 8.77 -11.53 -2.23
CA LYS B 40 9.21 -10.66 -1.13
C LYS B 40 7.97 -10.03 -0.48
N GLU B 41 7.14 -9.34 -1.29
CA GLU B 41 5.92 -8.68 -0.89
C GLU B 41 4.93 -9.65 -0.22
N LEU B 42 4.70 -10.86 -0.80
CA LEU B 42 3.82 -11.86 -0.22
C LEU B 42 4.22 -12.27 1.18
N ALA B 43 5.49 -12.58 1.44
CA ALA B 43 5.91 -12.97 2.79
C ALA B 43 5.85 -11.78 3.75
N LEU B 44 5.93 -10.55 3.19
CA LEU B 44 5.87 -9.36 3.98
C LEU B 44 4.44 -9.11 4.41
N ASN B 45 3.51 -8.96 3.45
CA ASN B 45 2.09 -8.73 3.71
C ASN B 45 1.48 -9.80 4.59
N THR B 46 1.91 -11.08 4.43
CA THR B 46 1.38 -12.20 5.25
C THR B 46 1.82 -12.09 6.72
N ALA B 47 3.10 -11.77 6.98
CA ALA B 47 3.60 -11.56 8.34
C ALA B 47 2.88 -10.40 9.04
N GLN B 48 2.51 -9.32 8.29
CA GLN B 48 1.76 -8.20 8.86
C GLN B 48 0.37 -8.69 9.20
N PHE B 49 -0.31 -9.37 8.24
CA PHE B 49 -1.67 -9.92 8.40
C PHE B 49 -1.75 -10.76 9.65
N ALA B 50 -0.85 -11.78 9.76
CA ALA B 50 -0.79 -12.69 10.90
C ALA B 50 -0.58 -11.92 12.24
N LYS B 51 0.35 -10.93 12.29
CA LYS B 51 0.60 -10.11 13.47
C LYS B 51 -0.65 -9.31 13.84
N SER B 52 -1.29 -8.67 12.86
CA SER B 52 -2.50 -7.92 13.05
C SER B 52 -3.63 -8.83 13.60
N LEU B 53 -3.80 -10.05 13.03
CA LEU B 53 -4.85 -11.00 13.46
C LEU B 53 -4.67 -11.44 14.91
N ALA B 54 -3.41 -11.69 15.30
CA ALA B 54 -3.03 -12.17 16.65
C ALA B 54 -3.28 -11.09 17.69
N MET B 55 -2.94 -9.82 17.33
CA MET B 55 -3.17 -8.64 18.15
C MET B 55 -4.68 -8.44 18.33
N LEU B 56 -5.45 -8.42 17.22
CA LEU B 56 -6.91 -8.25 17.25
C LEU B 56 -7.59 -9.36 18.04
N GLY B 57 -7.08 -10.60 17.87
CA GLY B 57 -7.59 -11.79 18.54
C GLY B 57 -7.31 -11.77 20.03
N SER B 58 -6.16 -11.17 20.39
CA SER B 58 -5.74 -11.03 21.78
C SER B 58 -6.62 -9.99 22.49
N SER B 59 -6.98 -8.90 21.78
CA SER B 59 -7.79 -7.83 22.34
C SER B 59 -9.34 -8.01 22.17
N GLU B 60 -9.80 -9.24 21.83
CA GLU B 60 -11.21 -9.55 21.61
C GLU B 60 -11.84 -10.20 22.81
N ASP B 61 -13.01 -9.69 23.22
CA ASP B 61 -13.75 -10.23 24.35
C ASP B 61 -14.67 -11.39 24.02
N ASN B 62 -15.14 -11.49 22.77
CA ASN B 62 -15.96 -12.60 22.32
C ASN B 62 -15.07 -13.82 22.06
N THR B 63 -15.28 -14.90 22.80
CA THR B 63 -14.49 -16.14 22.75
C THR B 63 -14.42 -16.79 21.37
N ALA B 64 -15.57 -16.86 20.67
CA ALA B 64 -15.67 -17.43 19.33
C ALA B 64 -14.84 -16.61 18.34
N LEU B 65 -15.03 -15.27 18.35
CA LEU B 65 -14.29 -14.34 17.50
C LEU B 65 -12.81 -14.38 17.85
N SER B 66 -12.46 -14.36 19.15
CA SER B 66 -11.08 -14.38 19.62
C SER B 66 -10.33 -15.60 19.11
N ARG B 67 -10.91 -16.83 19.28
CA ARG B 67 -10.31 -18.09 18.83
C ARG B 67 -10.13 -18.10 17.32
N ALA B 68 -11.18 -17.68 16.56
CA ALA B 68 -11.12 -17.68 15.11
C ALA B 68 -9.98 -16.81 14.60
N LEU B 69 -9.83 -15.58 15.18
CA LEU B 69 -8.76 -14.67 14.78
C LEU B 69 -7.39 -15.26 15.09
N SER B 70 -7.21 -15.81 16.30
CA SER B 70 -5.91 -16.39 16.62
C SER B 70 -5.57 -17.68 15.86
N GLN B 71 -6.57 -18.50 15.56
CA GLN B 71 -6.35 -19.71 14.77
C GLN B 71 -5.96 -19.38 13.31
N LEU B 72 -6.57 -18.32 12.71
CA LEU B 72 -6.28 -17.83 11.36
C LEU B 72 -4.88 -17.24 11.31
N ALA B 73 -4.42 -16.65 12.44
CA ALA B 73 -3.07 -16.08 12.53
C ALA B 73 -2.10 -17.26 12.45
N GLU B 74 -2.34 -18.35 13.24
CA GLU B 74 -1.55 -19.59 13.26
C GLU B 74 -1.50 -20.22 11.85
N VAL B 75 -2.61 -20.16 11.10
CA VAL B 75 -2.70 -20.73 9.76
C VAL B 75 -1.89 -19.96 8.73
N GLU B 76 -2.05 -18.62 8.63
CA GLU B 76 -1.29 -17.85 7.64
C GLU B 76 0.22 -18.13 7.69
N GLU B 77 0.74 -18.41 8.91
CA GLU B 77 2.15 -18.73 9.18
C GLU B 77 2.60 -20.11 8.63
N LYS B 78 1.88 -21.20 9.02
CA LYS B 78 2.14 -22.59 8.58
C LYS B 78 2.19 -22.72 7.04
N ILE B 79 1.19 -22.11 6.37
CA ILE B 79 1.03 -22.05 4.91
C ILE B 79 2.15 -21.22 4.26
N GLU B 80 2.61 -20.12 4.93
CA GLU B 80 3.67 -19.27 4.37
C GLU B 80 4.95 -20.03 4.01
N GLN B 81 5.40 -20.95 4.90
CA GLN B 81 6.62 -21.77 4.70
C GLN B 81 6.47 -22.62 3.43
N LEU B 82 5.25 -23.16 3.22
CA LEU B 82 4.86 -23.95 2.04
C LEU B 82 4.81 -23.02 0.84
N ASP B 90 16.86 -20.38 -2.53
CA ASP B 90 17.98 -20.64 -3.45
C ASP B 90 18.07 -19.74 -4.70
N PHE B 91 16.93 -19.49 -5.40
CA PHE B 91 16.76 -18.64 -6.58
C PHE B 91 17.19 -17.18 -6.26
N PHE B 92 17.05 -16.78 -4.99
CA PHE B 92 17.41 -15.46 -4.47
C PHE B 92 18.94 -15.22 -4.44
N LEU B 93 19.74 -16.31 -4.32
CA LEU B 93 21.20 -16.24 -4.38
C LEU B 93 21.62 -15.97 -5.83
N LEU B 94 20.99 -16.71 -6.76
CA LEU B 94 21.18 -16.56 -8.19
C LEU B 94 20.78 -15.15 -8.62
N ALA B 95 19.68 -14.65 -8.02
CA ALA B 95 19.16 -13.31 -8.25
C ALA B 95 20.18 -12.26 -7.84
N GLU B 96 20.81 -12.44 -6.68
CA GLU B 96 21.77 -11.46 -6.18
C GLU B 96 23.13 -11.50 -6.92
N LEU B 97 23.56 -12.71 -7.38
CA LEU B 97 24.76 -12.88 -8.21
C LEU B 97 24.56 -12.16 -9.57
N LEU B 98 23.33 -12.22 -10.11
CA LEU B 98 22.92 -11.58 -11.36
C LEU B 98 22.95 -10.06 -11.24
N SER B 99 22.42 -9.51 -10.14
CA SER B 99 22.37 -8.05 -9.89
C SER B 99 23.76 -7.45 -9.81
N ASP B 100 24.72 -8.18 -9.22
CA ASP B 100 26.11 -7.74 -9.10
C ASP B 100 26.84 -7.85 -10.43
N TYR B 101 26.71 -9.01 -11.11
CA TYR B 101 27.33 -9.21 -12.41
C TYR B 101 26.91 -8.12 -13.40
N ILE B 102 25.62 -7.70 -13.40
CA ILE B 102 25.09 -6.62 -14.27
C ILE B 102 25.81 -5.32 -14.00
N ARG B 103 26.03 -4.98 -12.70
CA ARG B 103 26.76 -3.80 -12.22
C ARG B 103 28.24 -3.84 -12.67
N LEU B 104 28.85 -5.05 -12.65
CA LEU B 104 30.23 -5.25 -13.11
C LEU B 104 30.35 -4.96 -14.64
N LEU B 105 29.41 -5.50 -15.46
CA LEU B 105 29.36 -5.28 -16.92
C LEU B 105 29.29 -3.81 -17.25
N ALA B 106 28.60 -3.02 -16.42
CA ALA B 106 28.49 -1.57 -16.59
C ALA B 106 29.86 -0.91 -16.39
N ILE B 107 30.66 -1.40 -15.39
CA ILE B 107 32.02 -0.91 -15.09
C ILE B 107 32.99 -1.26 -16.27
N VAL B 108 32.94 -2.51 -16.78
CA VAL B 108 33.79 -2.95 -17.90
C VAL B 108 33.52 -2.10 -19.14
N ARG B 109 32.24 -1.81 -19.47
CA ARG B 109 31.94 -0.97 -20.66
C ARG B 109 32.44 0.46 -20.51
N ALA B 110 32.37 1.01 -19.28
CA ALA B 110 32.84 2.36 -18.97
C ALA B 110 34.37 2.38 -19.15
N ALA B 111 35.05 1.24 -18.88
CA ALA B 111 36.49 1.04 -19.03
C ALA B 111 36.86 1.01 -20.50
N PHE B 112 36.07 0.31 -21.33
CA PHE B 112 36.26 0.28 -22.78
C PHE B 112 36.09 1.68 -23.35
N ASP B 113 35.09 2.41 -22.84
CA ASP B 113 34.81 3.79 -23.27
C ASP B 113 36.05 4.65 -22.95
N GLN B 114 36.58 4.56 -21.68
CA GLN B 114 37.76 5.28 -21.22
C GLN B 114 38.95 5.00 -22.10
N ARG B 115 39.16 3.72 -22.45
CA ARG B 115 40.26 3.27 -23.30
C ARG B 115 40.21 3.91 -24.65
N MET B 116 39.01 4.05 -25.22
CA MET B 116 38.79 4.64 -26.54
C MET B 116 39.15 6.13 -26.58
N LYS B 117 38.65 6.90 -25.61
CA LYS B 117 38.88 8.33 -25.48
C LYS B 117 40.37 8.67 -25.18
N THR B 118 41.04 7.80 -24.38
CA THR B 118 42.45 7.92 -24.00
C THR B 118 43.34 7.65 -25.22
N TRP B 119 43.00 6.60 -25.99
CA TRP B 119 43.65 6.23 -27.25
C TRP B 119 43.58 7.40 -28.24
N GLN B 120 42.38 8.01 -28.40
CA GLN B 120 42.20 9.18 -29.27
C GLN B 120 43.04 10.41 -28.90
N ARG B 121 43.15 10.74 -27.61
CA ARG B 121 43.96 11.88 -27.16
C ARG B 121 45.43 11.71 -27.62
N TRP B 122 45.91 10.47 -27.52
CA TRP B 122 47.24 10.07 -27.91
C TRP B 122 47.46 10.18 -29.43
N GLN B 123 46.59 9.56 -30.23
CA GLN B 123 46.65 9.59 -31.69
C GLN B 123 46.69 10.99 -32.25
N ASP B 124 45.88 11.90 -31.69
CA ASP B 124 45.83 13.28 -32.11
C ASP B 124 47.11 14.02 -31.77
N ALA B 125 47.67 13.74 -30.60
CA ALA B 125 48.92 14.35 -30.14
C ALA B 125 50.06 13.86 -31.02
N GLN B 126 50.02 12.57 -31.40
CA GLN B 126 50.97 11.89 -32.29
C GLN B 126 50.96 12.54 -33.68
N ALA B 127 49.75 12.88 -34.17
CA ALA B 127 49.52 13.54 -35.46
C ALA B 127 50.08 14.95 -35.42
N THR B 128 49.86 15.69 -34.32
CA THR B 128 50.34 17.06 -34.12
C THR B 128 51.87 17.06 -34.13
N LEU B 129 52.47 16.21 -33.28
CA LEU B 129 53.91 15.99 -33.16
C LEU B 129 54.53 15.77 -34.56
N GLN B 130 53.91 14.89 -35.37
CA GLN B 130 54.38 14.57 -36.72
C GLN B 130 54.33 15.78 -37.67
N LYS B 131 53.33 16.67 -37.50
CA LYS B 131 53.22 17.91 -38.28
C LYS B 131 54.29 18.93 -37.82
N LYS B 132 54.65 18.88 -36.53
CA LYS B 132 55.68 19.74 -35.93
C LYS B 132 57.06 19.37 -36.48
N ARG B 133 57.29 18.07 -36.77
CA ARG B 133 58.54 17.52 -37.33
C ARG B 133 58.70 17.86 -38.82
N GLU B 134 57.57 17.87 -39.57
CA GLU B 134 57.53 18.24 -41.00
C GLU B 134 57.83 19.74 -41.15
N ALA B 135 57.36 20.55 -40.17
CA ALA B 135 57.54 21.99 -40.06
C ALA B 135 59.02 22.37 -39.87
N GLU B 136 59.84 21.45 -39.29
CA GLU B 136 61.27 21.65 -39.12
C GLU B 136 61.98 21.44 -40.48
N ALA B 137 61.64 20.34 -41.20
CA ALA B 137 62.17 19.98 -42.52
C ALA B 137 62.05 21.14 -43.54
N PRO B 145 65.91 30.44 -38.37
CA PRO B 145 66.93 30.88 -37.41
C PRO B 145 66.33 30.97 -36.00
N ASP B 146 65.49 32.00 -35.77
CA ASP B 146 64.76 32.18 -34.51
C ASP B 146 63.47 31.36 -34.58
N LYS B 147 62.94 31.19 -35.82
CA LYS B 147 61.76 30.38 -36.12
C LYS B 147 62.13 28.89 -36.09
N LEU B 148 63.43 28.57 -36.33
CA LEU B 148 63.99 27.22 -36.26
C LEU B 148 64.14 26.79 -34.78
N GLN B 149 64.41 27.76 -33.88
CA GLN B 149 64.57 27.54 -32.44
C GLN B 149 63.20 27.26 -31.80
N GLN B 150 62.14 27.99 -32.24
CA GLN B 150 60.76 27.86 -31.79
C GLN B 150 60.20 26.49 -32.16
N ALA B 151 60.52 25.99 -33.39
CA ALA B 151 60.12 24.69 -33.91
C ALA B 151 60.75 23.54 -33.12
N LYS B 152 61.98 23.74 -32.60
CA LYS B 152 62.75 22.77 -31.80
C LYS B 152 62.12 22.58 -30.42
N ASP B 153 61.80 23.69 -29.74
CA ASP B 153 61.18 23.67 -28.41
C ASP B 153 59.72 23.19 -28.46
N GLU B 154 59.09 23.27 -29.67
CA GLU B 154 57.72 22.78 -29.93
C GLU B 154 57.74 21.25 -29.91
N ILE B 155 58.70 20.63 -30.65
CA ILE B 155 58.91 19.18 -30.67
C ILE B 155 59.24 18.62 -29.25
N LEU B 156 59.97 19.37 -28.40
CA LEU B 156 60.26 18.89 -27.04
C LEU B 156 59.02 18.87 -26.14
N GLU B 157 58.07 19.81 -26.36
CA GLU B 157 56.81 19.91 -25.63
C GLU B 157 55.81 18.83 -26.07
N TRP B 158 55.78 18.50 -27.39
CA TRP B 158 54.87 17.49 -27.93
C TRP B 158 55.33 16.05 -27.75
N GLU B 159 56.64 15.79 -27.57
CA GLU B 159 57.13 14.42 -27.29
C GLU B 159 56.85 14.13 -25.81
N SER B 160 56.86 15.21 -24.97
CA SER B 160 56.55 15.14 -23.54
C SER B 160 55.08 14.72 -23.37
N ARG B 161 54.19 15.30 -24.18
CA ARG B 161 52.76 15.04 -24.23
C ARG B 161 52.49 13.62 -24.78
N VAL B 162 52.98 13.32 -26.02
CA VAL B 162 52.85 12.00 -26.68
C VAL B 162 53.31 10.82 -25.81
N THR B 163 54.41 10.97 -25.03
CA THR B 163 54.83 9.84 -24.19
C THR B 163 53.84 9.59 -23.04
N GLN B 164 53.35 10.69 -22.40
CA GLN B 164 52.37 10.66 -21.30
C GLN B 164 50.99 10.12 -21.74
N TYR B 165 50.59 10.41 -23.00
CA TYR B 165 49.30 10.02 -23.56
C TYR B 165 49.29 8.54 -23.97
N GLU B 166 50.48 8.01 -24.31
CA GLU B 166 50.67 6.59 -24.61
C GLU B 166 50.72 5.85 -23.28
N ARG B 167 51.23 6.56 -22.22
CA ARG B 167 51.34 6.07 -20.84
C ARG B 167 49.95 5.89 -20.25
N ASP B 168 49.09 6.93 -20.44
CA ASP B 168 47.70 6.98 -20.00
C ASP B 168 46.92 5.84 -20.68
N PHE B 169 47.18 5.63 -21.99
CA PHE B 169 46.55 4.58 -22.79
C PHE B 169 46.91 3.18 -22.32
N GLU B 170 48.21 2.90 -22.13
CA GLU B 170 48.71 1.58 -21.71
C GLU B 170 48.09 1.18 -20.38
N ARG B 171 47.97 2.14 -19.45
CA ARG B 171 47.40 1.98 -18.12
C ARG B 171 45.93 1.49 -18.24
N ILE B 172 45.10 2.18 -19.07
CA ILE B 172 43.70 1.90 -19.25
C ILE B 172 43.40 0.53 -19.90
N SER B 173 44.23 0.17 -20.91
CA SER B 173 44.16 -1.12 -21.60
C SER B 173 44.44 -2.28 -20.66
N THR B 174 45.33 -2.08 -19.65
CA THR B 174 45.66 -3.08 -18.63
C THR B 174 44.45 -3.31 -17.75
N VAL B 175 43.79 -2.21 -17.31
CA VAL B 175 42.58 -2.19 -16.48
C VAL B 175 41.43 -2.88 -17.22
N VAL B 176 41.33 -2.68 -18.56
CA VAL B 176 40.30 -3.31 -19.37
C VAL B 176 40.51 -4.85 -19.37
N ARG B 177 41.78 -5.33 -19.66
CA ARG B 177 42.21 -6.74 -19.63
C ARG B 177 41.88 -7.42 -18.27
N LYS B 178 42.20 -6.76 -17.15
CA LYS B 178 41.94 -7.22 -15.79
C LYS B 178 40.42 -7.43 -15.56
N GLU B 179 39.60 -6.41 -15.95
CA GLU B 179 38.14 -6.44 -15.82
C GLU B 179 37.49 -7.42 -16.79
N SER B 188 25.61 -16.08 -19.46
CA SER B 188 24.21 -15.66 -19.44
C SER B 188 23.23 -16.77 -19.70
N LYS B 189 23.52 -17.62 -20.71
CA LYS B 189 22.67 -18.73 -21.12
C LYS B 189 22.78 -19.95 -20.20
N ASP B 190 23.43 -19.77 -19.01
CA ASP B 190 23.59 -20.72 -17.90
C ASP B 190 22.59 -20.27 -16.82
N PHE B 191 22.64 -18.96 -16.48
CA PHE B 191 21.74 -18.24 -15.59
C PHE B 191 20.27 -18.49 -16.04
N LYS B 192 19.98 -18.29 -17.36
CA LYS B 192 18.67 -18.38 -18.01
C LYS B 192 17.96 -19.70 -17.81
N ASN B 193 18.73 -20.83 -17.85
CA ASN B 193 18.19 -22.17 -17.68
C ASN B 193 17.64 -22.34 -16.29
N HIS B 194 18.36 -21.81 -15.29
CA HIS B 194 18.02 -21.84 -13.87
C HIS B 194 16.73 -21.09 -13.60
N VAL B 195 16.57 -19.93 -14.27
CA VAL B 195 15.37 -19.10 -14.23
C VAL B 195 14.20 -19.88 -14.83
N ILE B 196 14.42 -20.57 -15.96
CA ILE B 196 13.38 -21.39 -16.60
C ILE B 196 12.92 -22.52 -15.64
N LYS B 197 13.90 -23.22 -15.03
CA LYS B 197 13.66 -24.30 -14.08
C LYS B 197 12.73 -23.81 -12.96
N TYR B 198 13.10 -22.70 -12.27
CA TYR B 198 12.30 -22.08 -11.20
C TYR B 198 10.91 -21.69 -11.72
N LEU B 199 10.84 -21.06 -12.89
CA LEU B 199 9.59 -20.63 -13.49
C LEU B 199 8.61 -21.78 -13.72
N GLU B 200 9.11 -22.91 -14.19
CA GLU B 200 8.29 -24.09 -14.49
C GLU B 200 7.69 -24.73 -13.25
N THR B 201 8.50 -24.83 -12.19
CA THR B 201 8.04 -25.41 -10.93
C THR B 201 7.04 -24.46 -10.25
N LEU B 202 7.33 -23.13 -10.31
CA LEU B 202 6.46 -22.09 -9.79
C LEU B 202 5.10 -22.19 -10.50
N LEU B 203 5.12 -22.24 -11.85
CA LEU B 203 3.95 -22.40 -12.71
C LEU B 203 3.14 -23.62 -12.30
N TYR B 204 3.77 -24.81 -12.24
CA TYR B 204 3.10 -26.06 -11.87
C TYR B 204 2.39 -25.93 -10.51
N SER B 205 3.16 -25.49 -9.51
CA SER B 205 2.71 -25.26 -8.14
C SER B 205 1.46 -24.36 -8.11
N GLN B 206 1.50 -23.22 -8.86
CA GLN B 206 0.40 -22.25 -8.97
C GLN B 206 -0.79 -22.82 -9.69
N GLN B 207 -0.58 -23.66 -10.73
CA GLN B 207 -1.63 -24.36 -11.49
C GLN B 207 -2.39 -25.28 -10.54
N GLN B 208 -1.67 -26.03 -9.67
CA GLN B 208 -2.31 -26.95 -8.71
C GLN B 208 -3.17 -26.21 -7.66
N LEU B 209 -2.74 -25.00 -7.29
CA LEU B 209 -3.47 -24.15 -6.35
C LEU B 209 -4.76 -23.61 -7.01
N ALA B 210 -4.67 -23.20 -8.30
CA ALA B 210 -5.82 -22.71 -9.08
C ALA B 210 -6.89 -23.84 -9.26
N LYS B 211 -6.45 -25.09 -9.52
CA LYS B 211 -7.29 -26.29 -9.62
C LYS B 211 -7.99 -26.57 -8.26
N TYR B 212 -7.24 -26.50 -7.14
CA TYR B 212 -7.78 -26.68 -5.79
C TYR B 212 -8.82 -25.57 -5.46
N TRP B 213 -8.46 -24.27 -5.62
CA TRP B 213 -9.41 -23.18 -5.33
C TRP B 213 -10.67 -23.20 -6.17
N GLU B 214 -10.52 -23.50 -7.48
CA GLU B 214 -11.65 -23.65 -8.39
C GLU B 214 -12.59 -24.78 -7.89
N ALA B 215 -12.06 -25.88 -7.37
CA ALA B 215 -12.90 -26.96 -6.82
C ALA B 215 -13.47 -26.68 -5.41
N PHE B 216 -12.65 -26.05 -4.51
CA PHE B 216 -12.96 -25.88 -3.09
C PHE B 216 -13.34 -24.53 -2.52
N LEU B 217 -13.36 -23.47 -3.36
CA LEU B 217 -13.73 -22.11 -2.97
C LEU B 217 -14.95 -22.14 -1.99
N PRO B 218 -14.80 -21.65 -0.73
CA PRO B 218 -15.97 -21.67 0.18
C PRO B 218 -17.11 -20.77 -0.31
N GLU B 219 -18.34 -21.35 -0.40
CA GLU B 219 -19.57 -20.67 -0.84
C GLU B 219 -20.87 -21.45 -0.51
#